data_5LDG
#
_entry.id   5LDG
#
_cell.length_a   60.560
_cell.length_b   65.490
_cell.length_c   95.109
_cell.angle_alpha   90.00
_cell.angle_beta   90.00
_cell.angle_gamma   90.00
#
_symmetry.space_group_name_H-M   'P 21 21 21'
#
loop_
_entity.id
_entity.type
_entity.pdbx_description
1 polymer '(-)-isopiperitenone reductase'
2 non-polymer 'NADP NICOTINAMIDE-ADENINE-DINUCLEOTIDE PHOSPHATE'
3 non-polymer (-)-Isopiperitenone
4 water water
#
_entity_poly.entity_id   1
_entity_poly.type   'polypeptide(L)'
_entity_poly.pdbx_seq_one_letter_code
;GAMAEVQRYALVTGANKGIGFEICRQLAEKGIIVILTSRNEKRGLEARQKLLKELNVSENRLVFHQLDVTDLASVAAVAV
FIKSKFGKLDILVNNAGVSGVEMVGDVSVFNEYIEADFKALQALEAGAKEEPPFKPKANGEMIEKFEGAKDCVVTNYYGP
KRLTQALIPLLQLSPSPRIVNVSSSFGSLLLLWNEWAKGVLGDEDRLTEERVDEVVEVFLKDIKEGKLEESQWPPHFAAE
RVSKAALNAYTKIAAKKYPSFRINAICPGYAKTDITFHAGPLSVAEAAQVPVKLALLPDGGPSGCFFPRDKALALY
;
_entity_poly.pdbx_strand_id   A
#
loop_
_chem_comp.id
_chem_comp.type
_chem_comp.name
_chem_comp.formula
IT9 non-polymer (-)-Isopiperitenone 'C10 H14 O'
NAP non-polymer 'NADP NICOTINAMIDE-ADENINE-DINUCLEOTIDE PHOSPHATE' 'C21 H28 N7 O17 P3'
#
# COMPACT_ATOMS: atom_id res chain seq x y z
N GLN A 7 16.33 -10.63 -19.29
CA GLN A 7 16.38 -9.98 -17.98
C GLN A 7 14.99 -9.95 -17.35
N ARG A 8 14.91 -9.64 -16.05
CA ARG A 8 13.66 -9.32 -15.38
CA ARG A 8 13.66 -9.33 -15.39
C ARG A 8 13.65 -7.85 -15.04
N TYR A 9 12.47 -7.22 -15.15
CA TYR A 9 12.28 -5.80 -14.88
C TYR A 9 11.22 -5.62 -13.82
N ALA A 10 11.48 -4.72 -12.87
CA ALA A 10 10.54 -4.43 -11.79
C ALA A 10 10.30 -2.94 -11.71
N LEU A 11 9.06 -2.54 -11.51
CA LEU A 11 8.72 -1.15 -11.29
C LEU A 11 8.22 -1.03 -9.86
N VAL A 12 8.76 -0.06 -9.12
CA VAL A 12 8.35 0.18 -7.75
C VAL A 12 7.82 1.62 -7.65
N THR A 13 6.61 1.78 -7.11
CA THR A 13 6.07 3.11 -6.92
C THR A 13 6.46 3.66 -5.56
N GLY A 14 6.49 5.00 -5.44
CA GLY A 14 6.84 5.63 -4.18
C GLY A 14 8.20 5.18 -3.68
N ALA A 15 9.21 5.27 -4.56
CA ALA A 15 10.50 4.63 -4.32
C ALA A 15 11.61 5.61 -4.00
N ASN A 16 11.30 6.90 -3.83
CA ASN A 16 12.34 7.85 -3.49
C ASN A 16 12.75 7.80 -2.04
N LYS A 17 11.99 7.15 -1.16
CA LYS A 17 12.33 7.07 0.24
C LYS A 17 11.58 5.89 0.84
N GLY A 18 11.83 5.65 2.11
CA GLY A 18 11.07 4.70 2.86
C GLY A 18 11.22 3.27 2.38
N ILE A 19 10.16 2.51 2.57
CA ILE A 19 10.19 1.09 2.22
C ILE A 19 10.45 0.92 0.73
N GLY A 20 9.87 1.77 -0.10
CA GLY A 20 10.00 1.63 -1.54
C GLY A 20 11.45 1.70 -2.00
N PHE A 21 12.20 2.63 -1.43
CA PHE A 21 13.63 2.74 -1.75
C PHE A 21 14.35 1.44 -1.43
N GLU A 22 14.05 0.85 -0.27
CA GLU A 22 14.71 -0.41 0.09
CA GLU A 22 14.69 -0.41 0.13
C GLU A 22 14.23 -1.58 -0.76
N ILE A 23 12.98 -1.59 -1.20
CA ILE A 23 12.55 -2.62 -2.14
C ILE A 23 13.43 -2.56 -3.38
N CYS A 24 13.66 -1.34 -3.91
CA CYS A 24 14.52 -1.21 -5.06
C CYS A 24 15.91 -1.76 -4.80
N ARG A 25 16.48 -1.46 -3.62
CA ARG A 25 17.79 -2.00 -3.29
C ARG A 25 17.80 -3.52 -3.34
N GLN A 26 16.85 -4.15 -2.68
CA GLN A 26 16.85 -5.60 -2.55
C GLN A 26 16.57 -6.28 -3.87
N LEU A 27 15.68 -5.74 -4.67
CA LEU A 27 15.47 -6.34 -5.99
C LEU A 27 16.69 -6.19 -6.87
N ALA A 28 17.32 -5.00 -6.85
CA ALA A 28 18.50 -4.81 -7.68
C ALA A 28 19.62 -5.77 -7.27
N GLU A 29 19.74 -6.01 -5.97
CA GLU A 29 20.77 -6.94 -5.48
C GLU A 29 20.53 -8.35 -6.00
N LYS A 30 19.28 -8.70 -6.33
CA LYS A 30 18.99 -10.00 -6.90
C LYS A 30 19.25 -10.04 -8.41
N GLY A 31 19.69 -8.95 -9.01
CA GLY A 31 19.94 -8.89 -10.43
C GLY A 31 18.79 -8.43 -11.28
N ILE A 32 17.71 -8.01 -10.68
CA ILE A 32 16.56 -7.52 -11.40
C ILE A 32 16.81 -6.07 -11.75
N ILE A 33 16.47 -5.69 -12.99
CA ILE A 33 16.61 -4.30 -13.41
C ILE A 33 15.41 -3.54 -12.85
N VAL A 34 15.69 -2.50 -12.07
CA VAL A 34 14.66 -1.83 -11.31
C VAL A 34 14.38 -0.47 -11.93
N ILE A 35 13.10 -0.19 -12.13
CA ILE A 35 12.62 1.14 -12.47
C ILE A 35 12.13 1.79 -11.18
N LEU A 36 12.96 2.67 -10.63
CA LEU A 36 12.65 3.43 -9.44
C LEU A 36 11.80 4.60 -9.88
N THR A 37 10.61 4.73 -9.30
CA THR A 37 9.71 5.80 -9.71
C THR A 37 9.36 6.68 -8.51
N SER A 38 9.01 7.93 -8.79
CA SER A 38 8.60 8.85 -7.75
CA SER A 38 8.67 8.89 -7.76
C SER A 38 7.80 9.97 -8.39
N ARG A 39 6.93 10.57 -7.58
CA ARG A 39 6.07 11.61 -8.13
C ARG A 39 6.82 12.90 -8.38
N ASN A 40 7.84 13.21 -7.57
CA ASN A 40 8.66 14.40 -7.74
C ASN A 40 9.93 13.99 -8.47
N GLU A 41 10.19 14.64 -9.61
N GLU A 41 10.20 14.64 -9.60
CA GLU A 41 11.33 14.28 -10.44
CA GLU A 41 11.33 14.28 -10.43
C GLU A 41 12.66 14.50 -9.70
C GLU A 41 12.66 14.52 -9.71
N LYS A 42 12.81 15.65 -9.04
CA LYS A 42 14.08 15.93 -8.36
C LYS A 42 14.35 14.89 -7.26
N ARG A 43 13.36 14.59 -6.45
CA ARG A 43 13.56 13.60 -5.40
C ARG A 43 13.90 12.24 -5.98
N GLY A 44 13.26 11.87 -7.09
CA GLY A 44 13.51 10.57 -7.67
C GLY A 44 14.88 10.47 -8.29
N LEU A 45 15.33 11.52 -8.99
CA LEU A 45 16.66 11.51 -9.55
C LEU A 45 17.71 11.43 -8.47
N GLU A 46 17.51 12.16 -7.37
CA GLU A 46 18.48 12.10 -6.28
C GLU A 46 18.48 10.73 -5.61
N ALA A 47 17.30 10.12 -5.47
CA ALA A 47 17.23 8.79 -4.90
C ALA A 47 17.96 7.80 -5.79
N ARG A 48 17.75 7.89 -7.12
CA ARG A 48 18.47 6.98 -8.00
C ARG A 48 19.98 7.16 -7.85
N GLN A 49 20.43 8.40 -7.78
N GLN A 49 20.43 8.41 -7.81
CA GLN A 49 21.86 8.63 -7.66
CA GLN A 49 21.87 8.66 -7.63
C GLN A 49 22.41 8.02 -6.37
C GLN A 49 22.37 7.98 -6.38
N LYS A 50 21.69 8.22 -5.26
CA LYS A 50 22.13 7.68 -3.99
C LYS A 50 22.15 6.17 -4.03
N LEU A 51 21.08 5.55 -4.52
CA LEU A 51 21.00 4.09 -4.52
C LEU A 51 22.05 3.47 -5.43
N LEU A 52 22.27 4.07 -6.59
CA LEU A 52 23.30 3.57 -7.48
C LEU A 52 24.66 3.59 -6.80
N LYS A 53 24.95 4.67 -6.08
CA LYS A 53 26.20 4.76 -5.34
C LYS A 53 26.30 3.65 -4.30
N GLU A 54 25.23 3.48 -3.50
CA GLU A 54 25.27 2.50 -2.43
C GLU A 54 25.34 1.07 -2.96
N LEU A 55 24.62 0.78 -4.04
CA LEU A 55 24.69 -0.54 -4.67
C LEU A 55 26.06 -0.79 -5.28
N ASN A 56 26.67 0.27 -5.80
CA ASN A 56 27.98 0.19 -6.45
C ASN A 56 27.92 -0.65 -7.72
N VAL A 57 26.79 -0.59 -8.42
CA VAL A 57 26.58 -1.38 -9.63
C VAL A 57 26.57 -0.50 -10.86
N SER A 58 26.52 -1.15 -12.01
CA SER A 58 26.52 -0.41 -13.24
C SER A 58 25.23 0.38 -13.46
N GLU A 59 25.34 1.43 -14.28
CA GLU A 59 24.25 2.38 -14.50
C GLU A 59 22.99 1.72 -15.04
N ASN A 60 23.12 0.65 -15.82
CA ASN A 60 21.95 0.07 -16.46
C ASN A 60 21.10 -0.78 -15.51
N ARG A 61 21.54 -0.93 -14.26
CA ARG A 61 20.84 -1.75 -13.29
C ARG A 61 19.67 -1.02 -12.65
N LEU A 62 19.63 0.31 -12.72
CA LEU A 62 18.62 1.09 -12.02
C LEU A 62 18.26 2.28 -12.89
N VAL A 63 16.99 2.43 -13.20
CA VAL A 63 16.49 3.47 -14.10
CA VAL A 63 16.52 3.49 -14.09
C VAL A 63 15.44 4.27 -13.36
N PHE A 64 15.39 5.57 -13.59
CA PHE A 64 14.39 6.42 -12.97
C PHE A 64 13.29 6.77 -13.97
N HIS A 65 12.05 6.84 -13.50
CA HIS A 65 11.00 7.51 -14.26
C HIS A 65 10.01 8.13 -13.29
N GLN A 66 9.50 9.31 -13.66
CA GLN A 66 8.50 9.96 -12.84
C GLN A 66 7.21 9.15 -12.86
N LEU A 67 6.52 9.12 -11.73
CA LEU A 67 5.20 8.48 -11.66
C LEU A 67 4.47 9.00 -10.43
N ASP A 68 3.35 9.68 -10.66
CA ASP A 68 2.39 10.04 -9.62
C ASP A 68 1.19 9.14 -9.87
N VAL A 69 0.91 8.24 -8.92
CA VAL A 69 -0.14 7.24 -9.12
C VAL A 69 -1.53 7.82 -9.09
N THR A 70 -1.67 9.11 -8.76
CA THR A 70 -2.96 9.78 -8.78
C THR A 70 -3.20 10.57 -10.05
N ASP A 71 -2.25 10.57 -10.98
CA ASP A 71 -2.34 11.34 -12.19
C ASP A 71 -2.40 10.40 -13.40
N LEU A 72 -3.52 10.41 -14.13
CA LEU A 72 -3.70 9.44 -15.19
C LEU A 72 -2.69 9.58 -16.31
N ALA A 73 -2.28 10.81 -16.63
CA ALA A 73 -1.28 11.00 -17.67
C ALA A 73 0.06 10.41 -17.25
N SER A 74 0.40 10.54 -15.97
CA SER A 74 1.66 10.02 -15.47
C SER A 74 1.65 8.49 -15.53
N VAL A 75 0.53 7.90 -15.16
CA VAL A 75 0.36 6.45 -15.26
C VAL A 75 0.51 5.99 -16.70
N ALA A 76 -0.19 6.65 -17.63
CA ALA A 76 -0.09 6.25 -19.02
C ALA A 76 1.34 6.38 -19.54
N ALA A 77 2.03 7.45 -19.15
CA ALA A 77 3.36 7.69 -19.69
C ALA A 77 4.37 6.67 -19.22
N VAL A 78 4.22 6.14 -18.01
CA VAL A 78 5.19 5.15 -17.55
C VAL A 78 5.02 3.86 -18.33
N ALA A 79 3.78 3.52 -18.68
CA ALA A 79 3.54 2.34 -19.51
C ALA A 79 4.16 2.50 -20.90
N VAL A 80 4.01 3.67 -21.51
CA VAL A 80 4.65 3.93 -22.81
C VAL A 80 6.16 3.78 -22.71
N PHE A 81 6.74 4.32 -21.63
CA PHE A 81 8.18 4.24 -21.42
C PHE A 81 8.66 2.80 -21.30
N ILE A 82 7.99 2.00 -20.46
CA ILE A 82 8.42 0.62 -20.28
C ILE A 82 8.33 -0.14 -21.59
N LYS A 83 7.24 0.08 -22.34
CA LYS A 83 7.08 -0.61 -23.62
C LYS A 83 8.23 -0.28 -24.56
N SER A 84 8.60 1.01 -24.64
CA SER A 84 9.64 1.44 -25.58
CA SER A 84 9.64 1.44 -25.57
C SER A 84 11.02 0.98 -25.13
N LYS A 85 11.31 0.99 -23.83
CA LYS A 85 12.65 0.70 -23.38
C LYS A 85 12.91 -0.80 -23.17
N PHE A 86 11.93 -1.52 -22.65
CA PHE A 86 12.13 -2.88 -22.21
C PHE A 86 11.22 -3.90 -22.88
N GLY A 87 10.01 -3.51 -23.26
CA GLY A 87 9.10 -4.37 -24.01
C GLY A 87 8.25 -5.31 -23.18
N LYS A 88 8.46 -5.36 -21.87
CA LYS A 88 7.70 -6.19 -20.96
C LYS A 88 7.92 -5.62 -19.56
N LEU A 89 7.16 -6.13 -18.60
CA LEU A 89 7.42 -5.89 -17.20
C LEU A 89 7.20 -7.21 -16.48
N ASP A 90 8.08 -7.54 -15.53
CA ASP A 90 7.92 -8.78 -14.78
C ASP A 90 7.26 -8.59 -13.43
N ILE A 91 7.60 -7.49 -12.74
CA ILE A 91 7.19 -7.26 -11.36
C ILE A 91 6.70 -5.83 -11.24
N LEU A 92 5.51 -5.66 -10.66
CA LEU A 92 4.98 -4.37 -10.25
C LEU A 92 4.81 -4.38 -8.74
N VAL A 93 5.44 -3.42 -8.05
CA VAL A 93 5.24 -3.24 -6.62
C VAL A 93 4.52 -1.93 -6.39
N ASN A 94 3.25 -2.03 -5.97
CA ASN A 94 2.44 -0.87 -5.62
C ASN A 94 2.72 -0.53 -4.16
N ASN A 95 3.70 0.34 -3.95
CA ASN A 95 4.18 0.73 -2.63
C ASN A 95 3.71 2.11 -2.19
N ALA A 96 3.57 3.06 -3.12
CA ALA A 96 3.20 4.41 -2.74
C ALA A 96 1.96 4.41 -1.85
N GLY A 97 1.96 5.27 -0.83
CA GLY A 97 0.83 5.37 0.06
C GLY A 97 0.95 6.62 0.90
N VAL A 98 -0.20 7.05 1.42
CA VAL A 98 -0.29 8.16 2.37
C VAL A 98 -1.28 7.78 3.46
N SER A 99 -1.25 8.51 4.58
CA SER A 99 -2.02 8.15 5.76
C SER A 99 -3.40 8.75 5.82
N GLY A 100 -3.62 9.88 5.17
CA GLY A 100 -4.87 10.61 5.26
C GLY A 100 -5.01 11.48 6.48
N VAL A 101 -4.01 11.52 7.36
CA VAL A 101 -4.16 12.27 8.61
CA VAL A 101 -4.07 12.19 8.67
C VAL A 101 -3.15 13.41 8.65
N GLU A 102 -3.53 14.44 9.39
CA GLU A 102 -2.67 15.57 9.67
CA GLU A 102 -2.67 15.57 9.67
C GLU A 102 -2.50 15.65 11.19
N MET A 103 -1.28 15.86 11.65
CA MET A 103 -1.04 15.95 13.08
C MET A 103 -1.08 17.40 13.55
N VAL A 104 -1.68 17.61 14.72
CA VAL A 104 -1.57 18.86 15.45
CA VAL A 104 -1.56 18.87 15.44
C VAL A 104 -0.89 18.54 16.77
N GLY A 105 0.05 19.38 17.18
CA GLY A 105 0.74 19.14 18.43
C GLY A 105 1.73 17.98 18.32
N ASP A 106 1.83 17.23 19.41
CA ASP A 106 2.85 16.18 19.56
C ASP A 106 2.60 15.06 18.56
N VAL A 107 3.51 14.92 17.59
CA VAL A 107 3.30 13.97 16.51
C VAL A 107 3.38 12.54 16.98
N SER A 108 3.94 12.27 18.16
CA SER A 108 4.00 10.90 18.66
C SER A 108 2.62 10.33 18.98
N VAL A 109 1.60 11.17 19.01
CA VAL A 109 0.23 10.66 19.13
CA VAL A 109 0.27 10.59 19.18
C VAL A 109 -0.08 9.71 17.99
N PHE A 110 0.50 9.95 16.80
CA PHE A 110 0.31 9.02 15.68
C PHE A 110 0.69 7.59 16.09
N ASN A 111 1.86 7.45 16.72
CA ASN A 111 2.28 6.12 17.13
CA ASN A 111 2.35 6.14 17.22
C ASN A 111 1.44 5.57 18.27
N GLU A 112 0.89 6.41 19.14
CA GLU A 112 -0.03 5.91 20.14
C GLU A 112 -1.25 5.26 19.51
N TYR A 113 -1.81 5.87 18.46
CA TYR A 113 -2.93 5.25 17.77
C TYR A 113 -2.51 3.95 17.10
N ILE A 114 -1.33 3.91 16.46
CA ILE A 114 -0.88 2.66 15.84
CA ILE A 114 -0.90 2.66 15.84
C ILE A 114 -0.81 1.55 16.88
N GLU A 115 -0.19 1.84 18.02
CA GLU A 115 -0.05 0.80 19.05
CA GLU A 115 -0.05 0.80 19.04
C GLU A 115 -1.40 0.34 19.56
N ALA A 116 -2.34 1.28 19.76
CA ALA A 116 -3.67 0.90 20.21
C ALA A 116 -4.35 0.01 19.19
N ASP A 117 -4.19 0.33 17.90
CA ASP A 117 -4.84 -0.43 16.85
C ASP A 117 -4.25 -1.84 16.72
N PHE A 118 -2.93 -1.99 16.88
CA PHE A 118 -2.37 -3.34 16.88
CA PHE A 118 -2.37 -3.33 16.89
C PHE A 118 -2.95 -4.16 18.03
N LYS A 119 -3.06 -3.57 19.23
CA LYS A 119 -3.65 -4.29 20.34
CA LYS A 119 -3.65 -4.29 20.34
C LYS A 119 -5.09 -4.65 20.06
N ALA A 120 -5.85 -3.73 19.48
CA ALA A 120 -7.25 -3.99 19.16
C ALA A 120 -7.37 -5.12 18.15
N LEU A 121 -6.53 -5.10 17.11
CA LEU A 121 -6.60 -6.14 16.11
C LEU A 121 -6.30 -7.49 16.71
N GLN A 122 -5.31 -7.55 17.59
CA GLN A 122 -5.02 -8.83 18.23
CA GLN A 122 -5.00 -8.83 18.23
C GLN A 122 -6.21 -9.34 19.01
N ALA A 123 -6.90 -8.46 19.73
CA ALA A 123 -8.06 -8.90 20.49
C ALA A 123 -9.19 -9.36 19.60
N LEU A 124 -9.42 -8.62 18.51
CA LEU A 124 -10.47 -8.99 17.58
C LEU A 124 -10.16 -10.33 16.92
N GLU A 125 -8.90 -10.53 16.54
CA GLU A 125 -8.53 -11.81 15.95
C GLU A 125 -8.65 -12.96 16.92
N ALA A 126 -8.60 -12.69 18.21
CA ALA A 126 -8.77 -13.70 19.24
C ALA A 126 -10.23 -13.90 19.63
N GLY A 127 -11.15 -13.18 19.00
CA GLY A 127 -12.57 -13.39 19.18
C GLY A 127 -13.32 -12.27 19.82
N ALA A 128 -12.66 -11.20 20.26
CA ALA A 128 -13.41 -10.09 20.82
C ALA A 128 -14.25 -9.44 19.73
N LYS A 129 -15.35 -8.83 20.13
CA LYS A 129 -16.36 -8.38 19.18
C LYS A 129 -16.37 -6.89 18.94
N GLU A 130 -15.57 -6.09 19.66
CA GLU A 130 -15.54 -4.66 19.35
C GLU A 130 -14.17 -4.09 19.65
N GLU A 131 -13.86 -3.07 18.92
CA GLU A 131 -12.62 -2.33 19.10
C GLU A 131 -12.76 -1.41 20.32
N PRO A 132 -11.84 -1.47 21.29
CA PRO A 132 -11.95 -0.60 22.45
C PRO A 132 -11.85 0.86 22.04
N PRO A 133 -12.56 1.75 22.72
CA PRO A 133 -12.35 3.19 22.50
C PRO A 133 -10.92 3.57 22.84
N PHE A 134 -10.41 4.61 22.17
CA PHE A 134 -9.06 5.06 22.46
C PHE A 134 -8.95 6.57 22.32
N LYS A 135 -8.27 7.19 23.28
CA LYS A 135 -7.82 8.58 23.18
C LYS A 135 -6.36 8.64 23.61
N PRO A 136 -5.56 9.48 22.98
CA PRO A 136 -4.12 9.47 23.27
C PRO A 136 -3.76 10.21 24.55
N LYS A 137 -2.57 9.89 25.04
CA LYS A 137 -2.00 10.50 26.25
C LYS A 137 -1.35 11.85 25.94
N ALA A 138 -0.47 11.89 24.95
CA ALA A 138 0.35 13.08 24.73
C ALA A 138 -0.48 14.20 24.15
N ASN A 139 0.12 15.39 24.11
CA ASN A 139 -0.61 16.61 23.74
CA ASN A 139 -0.58 16.63 23.75
C ASN A 139 -0.55 16.80 22.23
N GLY A 140 -1.29 15.95 21.55
CA GLY A 140 -1.39 16.02 20.11
C GLY A 140 -2.71 15.40 19.69
N GLU A 141 -3.07 15.64 18.42
CA GLU A 141 -4.26 14.98 17.91
CA GLU A 141 -4.28 15.02 17.89
C GLU A 141 -4.06 14.68 16.42
N MET A 142 -4.76 13.64 15.98
CA MET A 142 -4.76 13.22 14.58
C MET A 142 -6.02 13.79 13.97
N ILE A 143 -5.87 14.67 12.99
CA ILE A 143 -6.99 15.33 12.31
C ILE A 143 -7.27 14.60 11.01
N GLU A 144 -8.53 14.27 10.78
CA GLU A 144 -8.94 13.46 9.62
C GLU A 144 -10.03 14.24 8.91
N LYS A 145 -9.66 14.89 7.81
CA LYS A 145 -10.57 15.70 7.03
C LYS A 145 -10.79 15.08 5.66
N PHE A 146 -11.76 15.64 4.95
CA PHE A 146 -12.13 15.11 3.64
C PHE A 146 -10.95 15.15 2.66
N GLU A 147 -10.25 16.28 2.56
CA GLU A 147 -9.23 16.35 1.53
C GLU A 147 -8.18 15.27 1.72
N GLY A 148 -7.74 15.07 2.96
CA GLY A 148 -6.76 14.03 3.23
C GLY A 148 -7.32 12.64 3.00
N ALA A 149 -8.61 12.44 3.30
CA ALA A 149 -9.22 11.13 3.05
C ALA A 149 -9.30 10.83 1.57
N LYS A 150 -9.67 11.84 0.78
CA LYS A 150 -9.73 11.66 -0.66
C LYS A 150 -8.35 11.35 -1.23
N ASP A 151 -7.33 12.09 -0.78
CA ASP A 151 -5.97 11.79 -1.24
C ASP A 151 -5.56 10.37 -0.85
N CYS A 152 -5.93 9.94 0.34
CA CYS A 152 -5.60 8.60 0.79
C CYS A 152 -6.27 7.53 -0.07
N VAL A 153 -7.58 7.66 -0.34
CA VAL A 153 -8.27 6.68 -1.17
C VAL A 153 -7.72 6.69 -2.60
N VAL A 154 -7.48 7.87 -3.16
CA VAL A 154 -7.02 7.96 -4.53
C VAL A 154 -5.60 7.41 -4.67
N THR A 155 -4.76 7.64 -3.68
CA THR A 155 -3.39 7.14 -3.73
C THR A 155 -3.34 5.64 -3.45
N ASN A 156 -4.01 5.21 -2.38
CA ASN A 156 -3.80 3.88 -1.83
C ASN A 156 -4.66 2.81 -2.48
N TYR A 157 -5.81 3.19 -3.04
CA TYR A 157 -6.71 2.26 -3.69
C TYR A 157 -6.80 2.49 -5.20
N TYR A 158 -7.19 3.70 -5.62
CA TYR A 158 -7.28 3.93 -7.05
C TYR A 158 -5.92 3.83 -7.72
N GLY A 159 -4.85 4.20 -7.01
CA GLY A 159 -3.52 4.18 -7.59
C GLY A 159 -3.10 2.79 -8.02
N PRO A 160 -3.08 1.84 -7.07
CA PRO A 160 -2.73 0.46 -7.46
C PRO A 160 -3.65 -0.12 -8.50
N LYS A 161 -4.93 0.22 -8.45
CA LYS A 161 -5.86 -0.30 -9.42
C LYS A 161 -5.53 0.22 -10.82
N ARG A 162 -5.36 1.54 -10.94
CA ARG A 162 -5.13 2.12 -12.25
C ARG A 162 -3.79 1.72 -12.81
N LEU A 163 -2.77 1.63 -11.96
CA LEU A 163 -1.47 1.25 -12.45
C LEU A 163 -1.45 -0.22 -12.85
N THR A 164 -2.11 -1.08 -12.06
CA THR A 164 -2.25 -2.49 -12.46
C THR A 164 -2.89 -2.58 -13.84
N GLN A 165 -4.00 -1.87 -14.01
CA GLN A 165 -4.74 -1.94 -15.26
C GLN A 165 -3.92 -1.44 -16.44
N ALA A 166 -3.15 -0.35 -16.24
CA ALA A 166 -2.33 0.20 -17.31
C ALA A 166 -1.21 -0.75 -17.71
N LEU A 167 -0.71 -1.56 -16.77
CA LEU A 167 0.46 -2.39 -17.02
C LEU A 167 0.14 -3.84 -17.37
N ILE A 168 -1.14 -4.24 -17.41
CA ILE A 168 -1.48 -5.61 -17.78
C ILE A 168 -0.83 -6.04 -19.09
N PRO A 169 -0.92 -5.27 -20.18
CA PRO A 169 -0.32 -5.76 -21.44
C PRO A 169 1.16 -6.08 -21.31
N LEU A 170 1.90 -5.27 -20.57
CA LEU A 170 3.33 -5.50 -20.42
C LEU A 170 3.61 -6.67 -19.49
N LEU A 171 2.86 -6.78 -18.40
CA LEU A 171 3.02 -7.90 -17.46
C LEU A 171 2.65 -9.22 -18.13
N GLN A 172 1.69 -9.19 -19.07
CA GLN A 172 1.31 -10.42 -19.78
C GLN A 172 2.45 -10.97 -20.61
N LEU A 173 3.45 -10.16 -20.92
CA LEU A 173 4.60 -10.57 -21.72
C LEU A 173 5.73 -11.11 -20.88
N SER A 174 5.54 -11.22 -19.55
CA SER A 174 6.50 -11.82 -18.65
C SER A 174 6.20 -13.30 -18.50
N PRO A 175 7.24 -14.13 -18.34
CA PRO A 175 6.97 -15.55 -18.03
C PRO A 175 6.43 -15.79 -16.63
N SER A 176 6.63 -14.86 -15.70
CA SER A 176 6.20 -15.01 -14.31
C SER A 176 5.71 -13.67 -13.81
N PRO A 177 4.56 -13.19 -14.28
CA PRO A 177 4.12 -11.85 -13.88
C PRO A 177 3.76 -11.80 -12.40
N ARG A 178 4.24 -10.75 -11.72
CA ARG A 178 4.02 -10.60 -10.30
C ARG A 178 3.55 -9.19 -9.99
N ILE A 179 2.51 -9.07 -9.16
CA ILE A 179 2.10 -7.80 -8.60
C ILE A 179 2.07 -7.96 -7.09
N VAL A 180 2.68 -7.01 -6.39
CA VAL A 180 2.69 -6.97 -4.94
C VAL A 180 2.11 -5.64 -4.52
N ASN A 181 1.03 -5.69 -3.75
CA ASN A 181 0.38 -4.51 -3.22
C ASN A 181 0.78 -4.36 -1.76
N VAL A 182 1.42 -3.24 -1.44
CA VAL A 182 1.85 -2.97 -0.06
C VAL A 182 0.63 -2.40 0.65
N SER A 183 0.03 -3.24 1.48
CA SER A 183 -1.19 -2.96 2.18
C SER A 183 -0.87 -2.80 3.67
N SER A 184 -1.80 -3.14 4.52
CA SER A 184 -1.62 -2.99 5.94
C SER A 184 -2.53 -3.98 6.63
N SER A 185 -2.09 -4.46 7.80
CA SER A 185 -2.96 -5.24 8.68
C SER A 185 -4.19 -4.45 9.09
N PHE A 186 -4.10 -3.12 9.07
CA PHE A 186 -5.25 -2.31 9.44
C PHE A 186 -6.33 -2.26 8.37
N GLY A 187 -6.10 -2.87 7.20
CA GLY A 187 -7.19 -3.14 6.28
C GLY A 187 -8.06 -4.31 6.66
N SER A 188 -7.80 -4.98 7.79
CA SER A 188 -8.63 -6.08 8.22
C SER A 188 -10.10 -5.66 8.26
N LEU A 189 -10.98 -6.53 7.79
CA LEU A 189 -12.39 -6.25 7.93
C LEU A 189 -12.82 -6.16 9.39
N LEU A 190 -12.07 -6.77 10.30
CA LEU A 190 -12.41 -6.68 11.71
C LEU A 190 -12.33 -5.26 12.23
N LEU A 191 -11.56 -4.39 11.58
CA LEU A 191 -11.39 -3.00 12.00
C LEU A 191 -12.22 -2.02 11.18
N LEU A 192 -13.05 -2.50 10.26
CA LEU A 192 -13.66 -1.57 9.32
C LEU A 192 -14.93 -0.91 9.84
N TRP A 193 -15.55 -1.47 10.89
CA TRP A 193 -16.75 -0.96 11.57
C TRP A 193 -18.05 -1.04 10.77
N ASN A 194 -18.01 -0.69 9.50
CA ASN A 194 -19.22 -0.50 8.68
C ASN A 194 -19.73 -1.86 8.24
N GLU A 195 -20.91 -2.26 8.74
CA GLU A 195 -21.36 -3.63 8.48
CA GLU A 195 -21.38 -3.62 8.48
C GLU A 195 -21.65 -3.86 7.01
N TRP A 196 -22.24 -2.89 6.33
CA TRP A 196 -22.48 -3.02 4.90
C TRP A 196 -21.18 -3.26 4.16
N ALA A 197 -20.18 -2.41 4.43
CA ALA A 197 -18.92 -2.51 3.71
C ALA A 197 -18.21 -3.81 4.01
N LYS A 198 -18.25 -4.25 5.28
CA LYS A 198 -17.64 -5.52 5.65
C LYS A 198 -18.27 -6.67 4.88
N GLY A 199 -19.59 -6.61 4.72
CA GLY A 199 -20.26 -7.67 3.97
C GLY A 199 -19.89 -7.67 2.50
N VAL A 200 -19.83 -6.48 1.90
CA VAL A 200 -19.51 -6.37 0.48
C VAL A 200 -18.07 -6.83 0.23
N LEU A 201 -17.13 -6.30 1.00
CA LEU A 201 -15.73 -6.62 0.74
C LEU A 201 -15.43 -8.07 1.09
N GLY A 202 -16.18 -8.64 2.03
CA GLY A 202 -15.98 -10.03 2.42
C GLY A 202 -16.67 -11.05 1.56
N ASP A 203 -17.61 -10.65 0.72
CA ASP A 203 -18.40 -11.58 -0.11
C ASP A 203 -17.59 -11.83 -1.38
N GLU A 204 -16.59 -12.69 -1.26
CA GLU A 204 -15.61 -12.85 -2.32
C GLU A 204 -16.24 -13.30 -3.62
N ASP A 205 -17.25 -14.17 -3.55
CA ASP A 205 -17.87 -14.69 -4.77
C ASP A 205 -18.60 -13.62 -5.57
N ARG A 206 -18.98 -12.51 -4.94
CA ARG A 206 -19.68 -11.42 -5.63
CA ARG A 206 -19.67 -11.43 -5.64
C ARG A 206 -18.79 -10.21 -5.86
N LEU A 207 -17.52 -10.25 -5.45
CA LEU A 207 -16.65 -9.08 -5.54
C LEU A 207 -16.43 -8.67 -6.98
N THR A 208 -16.61 -7.38 -7.24
CA THR A 208 -16.23 -6.77 -8.51
C THR A 208 -15.65 -5.41 -8.22
N GLU A 209 -14.96 -4.86 -9.22
CA GLU A 209 -14.40 -3.52 -9.05
C GLU A 209 -15.49 -2.51 -8.75
N GLU A 210 -16.67 -2.67 -9.39
CA GLU A 210 -17.74 -1.70 -9.17
CA GLU A 210 -17.75 -1.70 -9.17
C GLU A 210 -18.23 -1.73 -7.72
N ARG A 211 -18.30 -2.91 -7.12
CA ARG A 211 -18.74 -2.99 -5.73
C ARG A 211 -17.73 -2.36 -4.79
N VAL A 212 -16.42 -2.53 -5.05
CA VAL A 212 -15.41 -1.93 -4.18
C VAL A 212 -15.40 -0.41 -4.37
N ASP A 213 -15.49 0.05 -5.62
CA ASP A 213 -15.56 1.49 -5.87
C ASP A 213 -16.74 2.10 -5.09
N GLU A 214 -17.88 1.40 -5.07
CA GLU A 214 -19.04 1.93 -4.36
CA GLU A 214 -19.04 1.94 -4.36
C GLU A 214 -18.76 2.08 -2.87
N VAL A 215 -18.08 1.10 -2.28
CA VAL A 215 -17.75 1.21 -0.87
C VAL A 215 -16.91 2.46 -0.61
N VAL A 216 -15.83 2.67 -1.37
CA VAL A 216 -14.96 3.80 -1.06
C VAL A 216 -15.65 5.11 -1.33
N GLU A 217 -16.53 5.17 -2.34
CA GLU A 217 -17.21 6.42 -2.63
C GLU A 217 -18.26 6.76 -1.57
N VAL A 218 -18.93 5.76 -1.01
CA VAL A 218 -19.85 6.00 0.08
C VAL A 218 -19.09 6.54 1.29
N PHE A 219 -17.93 5.95 1.59
CA PHE A 219 -17.10 6.48 2.67
C PHE A 219 -16.74 7.94 2.44
N LEU A 220 -16.27 8.25 1.22
CA LEU A 220 -15.83 9.63 0.96
C LEU A 220 -16.99 10.61 1.08
N LYS A 221 -18.18 10.23 0.62
CA LYS A 221 -19.33 11.11 0.78
C LYS A 221 -19.65 11.32 2.26
N ASP A 222 -19.52 10.28 3.08
CA ASP A 222 -19.79 10.42 4.50
C ASP A 222 -18.78 11.34 5.20
N ILE A 223 -17.48 11.21 4.88
CA ILE A 223 -16.54 12.11 5.55
C ILE A 223 -16.69 13.53 5.04
N LYS A 224 -17.08 13.71 3.77
CA LYS A 224 -17.32 15.05 3.26
C LYS A 224 -18.42 15.73 4.05
N GLU A 225 -19.45 14.96 4.44
CA GLU A 225 -20.65 15.48 5.11
C GLU A 225 -20.60 15.38 6.63
N GLY A 226 -19.49 14.91 7.20
CA GLY A 226 -19.38 14.76 8.66
C GLY A 226 -20.24 13.69 9.28
N LYS A 227 -20.39 12.53 8.61
CA LYS A 227 -21.26 11.44 9.04
C LYS A 227 -20.50 10.16 9.38
N LEU A 228 -19.23 10.27 9.76
CA LEU A 228 -18.43 9.05 9.95
C LEU A 228 -18.92 8.21 11.12
N GLU A 229 -19.25 8.82 12.25
CA GLU A 229 -19.73 8.02 13.37
C GLU A 229 -21.15 7.53 13.11
N GLU A 230 -22.01 8.43 12.63
CA GLU A 230 -23.39 8.04 12.36
CA GLU A 230 -23.39 8.04 12.36
C GLU A 230 -23.48 6.99 11.27
N SER A 231 -22.55 7.01 10.31
CA SER A 231 -22.54 6.05 9.22
C SER A 231 -21.65 4.83 9.53
N GLN A 232 -21.11 4.76 10.74
CA GLN A 232 -20.50 3.53 11.22
CA GLN A 232 -20.54 3.49 11.15
C GLN A 232 -19.18 3.22 10.51
N TRP A 233 -18.39 4.25 10.25
CA TRP A 233 -17.01 4.07 9.78
C TRP A 233 -16.06 4.10 10.97
N PRO A 234 -14.78 3.78 10.78
CA PRO A 234 -13.87 3.68 11.92
C PRO A 234 -13.71 5.01 12.63
N PRO A 235 -13.41 4.96 13.94
CA PRO A 235 -13.28 6.19 14.75
C PRO A 235 -11.99 6.95 14.50
N HIS A 236 -10.99 6.30 13.94
CA HIS A 236 -9.73 6.94 13.59
C HIS A 236 -9.08 6.07 12.53
N PHE A 237 -8.10 6.66 11.86
CA PHE A 237 -7.47 6.05 10.67
C PHE A 237 -8.52 5.56 9.69
N ALA A 238 -9.60 6.33 9.54
CA ALA A 238 -10.73 5.83 8.75
C ALA A 238 -10.34 5.63 7.29
N ALA A 239 -9.76 6.64 6.65
CA ALA A 239 -9.41 6.53 5.25
C ALA A 239 -8.34 5.48 5.02
N GLU A 240 -7.37 5.39 5.93
CA GLU A 240 -6.35 4.37 5.79
C GLU A 240 -6.97 2.98 5.83
N ARG A 241 -7.84 2.72 6.81
CA ARG A 241 -8.47 1.42 6.93
C ARG A 241 -9.31 1.12 5.69
N VAL A 242 -10.15 2.05 5.27
CA VAL A 242 -11.00 1.83 4.12
C VAL A 242 -10.17 1.57 2.87
N SER A 243 -9.16 2.40 2.65
CA SER A 243 -8.36 2.27 1.43
C SER A 243 -7.61 0.97 1.39
N LYS A 244 -7.06 0.54 2.52
CA LYS A 244 -6.31 -0.72 2.53
C LYS A 244 -7.24 -1.93 2.46
N ALA A 245 -8.42 -1.84 3.06
CA ALA A 245 -9.39 -2.92 2.89
C ALA A 245 -9.82 -3.03 1.43
N ALA A 246 -10.02 -1.88 0.78
CA ALA A 246 -10.37 -1.87 -0.64
C ALA A 246 -9.26 -2.44 -1.50
N LEU A 247 -8.00 -2.08 -1.17
CA LEU A 247 -6.85 -2.61 -1.89
C LEU A 247 -6.79 -4.13 -1.75
N ASN A 248 -7.04 -4.64 -0.54
CA ASN A 248 -7.04 -6.08 -0.35
C ASN A 248 -8.11 -6.75 -1.22
N ALA A 249 -9.29 -6.12 -1.29
CA ALA A 249 -10.37 -6.67 -2.11
C ALA A 249 -10.00 -6.63 -3.58
N TYR A 250 -9.41 -5.52 -4.05
CA TYR A 250 -8.99 -5.45 -5.44
C TYR A 250 -7.91 -6.48 -5.74
N THR A 251 -7.05 -6.78 -4.78
CA THR A 251 -6.04 -7.82 -4.98
C THR A 251 -6.74 -9.14 -5.32
N LYS A 252 -7.81 -9.47 -4.62
CA LYS A 252 -8.56 -10.69 -4.90
C LYS A 252 -9.22 -10.65 -6.28
N ILE A 253 -9.82 -9.51 -6.63
CA ILE A 253 -10.47 -9.34 -7.92
C ILE A 253 -9.46 -9.53 -9.05
N ALA A 254 -8.32 -8.87 -8.94
CA ALA A 254 -7.32 -8.93 -9.98
C ALA A 254 -6.72 -10.32 -10.09
N ALA A 255 -6.47 -10.98 -8.97
CA ALA A 255 -5.94 -12.34 -9.03
C ALA A 255 -6.86 -13.27 -9.80
N LYS A 256 -8.17 -13.11 -9.63
CA LYS A 256 -9.10 -13.97 -10.35
CA LYS A 256 -9.12 -13.95 -10.34
C LYS A 256 -9.16 -13.61 -11.82
N LYS A 257 -9.06 -12.32 -12.14
CA LYS A 257 -9.14 -11.85 -13.54
C LYS A 257 -7.89 -12.22 -14.34
N TYR A 258 -6.73 -12.30 -13.69
CA TYR A 258 -5.45 -12.56 -14.34
C TYR A 258 -4.83 -13.80 -13.70
N PRO A 259 -5.37 -14.98 -14.00
CA PRO A 259 -4.96 -16.18 -13.26
C PRO A 259 -3.52 -16.62 -13.50
N SER A 260 -2.89 -16.23 -14.61
CA SER A 260 -1.49 -16.56 -14.82
C SER A 260 -0.53 -15.71 -14.00
N PHE A 261 -1.00 -14.59 -13.45
CA PHE A 261 -0.19 -13.75 -12.60
C PHE A 261 -0.24 -14.31 -11.17
N ARG A 262 0.72 -13.90 -10.34
CA ARG A 262 0.58 -14.02 -8.89
C ARG A 262 0.47 -12.60 -8.36
N ILE A 263 -0.66 -12.29 -7.75
CA ILE A 263 -1.01 -10.93 -7.30
C ILE A 263 -1.39 -11.05 -5.83
N ASN A 264 -0.61 -10.41 -4.95
CA ASN A 264 -0.83 -10.57 -3.52
C ASN A 264 -0.64 -9.25 -2.81
N ALA A 265 -1.29 -9.12 -1.67
CA ALA A 265 -1.15 -7.97 -0.80
C ALA A 265 -0.40 -8.38 0.45
N ILE A 266 0.40 -7.47 1.00
CA ILE A 266 1.21 -7.77 2.18
C ILE A 266 1.10 -6.65 3.19
N CYS A 267 1.50 -6.97 4.42
CA CYS A 267 1.83 -5.96 5.42
C CYS A 267 3.32 -6.09 5.72
N PRO A 268 4.06 -4.99 5.65
CA PRO A 268 5.50 -5.06 5.86
C PRO A 268 5.90 -5.14 7.32
N GLY A 269 4.97 -4.87 8.23
CA GLY A 269 5.27 -4.65 9.62
C GLY A 269 5.38 -3.17 9.91
N TYR A 270 5.51 -2.85 11.18
CA TYR A 270 5.55 -1.49 11.67
C TYR A 270 7.01 -1.04 11.63
N ALA A 271 7.32 -0.10 10.73
CA ALA A 271 8.70 0.21 10.39
C ALA A 271 8.95 1.71 10.43
N LYS A 272 10.20 2.07 10.69
CA LYS A 272 10.61 3.45 10.86
C LYS A 272 10.71 4.16 9.51
N THR A 273 9.71 4.97 9.18
CA THR A 273 9.73 5.74 7.94
C THR A 273 9.09 7.10 8.21
N ASP A 274 9.06 7.96 7.20
CA ASP A 274 8.43 9.27 7.42
C ASP A 274 6.96 9.13 7.79
N ILE A 275 6.27 8.10 7.30
CA ILE A 275 4.84 7.97 7.60
C ILE A 275 4.60 7.70 9.07
N THR A 276 5.56 7.06 9.76
CA THR A 276 5.42 6.76 11.17
C THR A 276 6.28 7.68 12.05
N PHE A 277 6.77 8.78 11.51
CA PHE A 277 7.69 9.66 12.27
C PHE A 277 8.89 8.86 12.78
N HIS A 278 9.31 7.87 12.01
CA HIS A 278 10.48 7.04 12.29
C HIS A 278 10.37 6.27 13.60
N ALA A 279 9.17 5.85 13.91
CA ALA A 279 8.88 4.94 15.00
C ALA A 279 8.51 3.58 14.45
N GLY A 280 8.54 2.61 15.34
CA GLY A 280 8.23 1.26 14.98
C GLY A 280 9.44 0.38 15.19
N PRO A 281 9.20 -0.91 15.39
CA PRO A 281 10.31 -1.82 15.74
C PRO A 281 11.20 -2.17 14.57
N LEU A 282 10.73 -2.09 13.33
CA LEU A 282 11.49 -2.61 12.21
C LEU A 282 12.25 -1.49 11.51
N SER A 283 13.41 -1.86 10.96
CA SER A 283 14.11 -0.96 10.05
C SER A 283 13.45 -1.02 8.68
N VAL A 284 13.77 -0.02 7.85
CA VAL A 284 13.24 -0.03 6.48
CA VAL A 284 13.23 -0.02 6.50
C VAL A 284 13.71 -1.24 5.72
N ALA A 285 14.97 -1.67 5.93
CA ALA A 285 15.44 -2.86 5.22
C ALA A 285 14.64 -4.08 5.64
N GLU A 286 14.34 -4.22 6.94
CA GLU A 286 13.52 -5.35 7.40
C GLU A 286 12.13 -5.31 6.78
N ALA A 287 11.49 -4.14 6.75
CA ALA A 287 10.15 -4.02 6.18
C ALA A 287 10.12 -4.47 4.73
N ALA A 288 11.10 -4.05 3.94
CA ALA A 288 11.12 -4.34 2.52
C ALA A 288 11.24 -5.83 2.21
N GLN A 289 11.75 -6.63 3.15
CA GLN A 289 11.85 -8.05 2.92
C GLN A 289 10.52 -8.68 2.53
N VAL A 290 9.42 -8.16 3.09
CA VAL A 290 8.10 -8.76 2.86
C VAL A 290 7.66 -8.58 1.42
N PRO A 291 7.58 -7.36 0.87
CA PRO A 291 7.15 -7.25 -0.53
C PRO A 291 8.13 -7.91 -1.47
N VAL A 292 9.43 -7.91 -1.16
CA VAL A 292 10.39 -8.59 -2.00
C VAL A 292 10.10 -10.09 -2.05
N LYS A 293 9.76 -10.66 -0.90
CA LYS A 293 9.43 -12.09 -0.85
C LYS A 293 8.30 -12.42 -1.82
N LEU A 294 7.25 -11.60 -1.86
CA LEU A 294 6.13 -11.87 -2.73
C LEU A 294 6.41 -11.52 -4.20
N ALA A 295 7.36 -10.62 -4.44
CA ALA A 295 7.77 -10.29 -5.81
C ALA A 295 8.53 -11.45 -6.44
N LEU A 296 9.19 -12.26 -5.61
CA LEU A 296 9.99 -13.38 -6.06
C LEU A 296 9.30 -14.72 -5.81
N LEU A 297 8.01 -14.69 -5.51
CA LEU A 297 7.26 -15.91 -5.27
C LEU A 297 7.41 -16.87 -6.46
N PRO A 298 7.71 -18.14 -6.23
CA PRO A 298 7.78 -19.08 -7.35
C PRO A 298 6.43 -19.30 -8.01
N ASP A 299 6.49 -19.72 -9.28
CA ASP A 299 5.28 -20.07 -10.01
C ASP A 299 4.47 -21.07 -9.19
N GLY A 300 3.15 -20.91 -9.24
CA GLY A 300 2.25 -21.79 -8.56
C GLY A 300 1.93 -21.40 -7.14
N GLY A 301 2.59 -20.39 -6.61
CA GLY A 301 2.36 -20.00 -5.25
C GLY A 301 1.00 -19.35 -5.05
N PRO A 302 0.70 -18.95 -3.82
CA PRO A 302 -0.59 -18.29 -3.56
C PRO A 302 -0.80 -17.06 -4.41
N SER A 303 -2.07 -16.79 -4.71
CA SER A 303 -2.43 -15.56 -5.41
C SER A 303 -3.78 -15.08 -4.90
N GLY A 304 -3.94 -13.79 -4.81
CA GLY A 304 -5.18 -13.19 -4.34
C GLY A 304 -5.27 -13.04 -2.85
N CYS A 305 -4.18 -13.18 -2.14
CA CYS A 305 -4.19 -13.26 -0.69
C CYS A 305 -3.57 -12.02 -0.07
N PHE A 306 -3.88 -11.84 1.21
CA PHE A 306 -3.22 -10.87 2.06
C PHE A 306 -2.35 -11.61 3.07
N PHE A 307 -1.08 -11.23 3.17
CA PHE A 307 -0.13 -11.84 4.08
C PHE A 307 0.43 -10.83 5.07
N PRO A 308 0.21 -11.00 6.36
CA PRO A 308 0.99 -10.27 7.36
C PRO A 308 2.45 -10.69 7.29
N ARG A 309 3.30 -9.91 7.94
CA ARG A 309 4.73 -10.07 7.79
C ARG A 309 5.20 -11.50 8.01
N ASP A 310 4.84 -12.10 9.15
CA ASP A 310 5.44 -13.40 9.48
C ASP A 310 4.96 -14.49 8.52
N LYS A 311 3.71 -14.43 8.09
CA LYS A 311 3.19 -15.42 7.16
C LYS A 311 3.88 -15.26 5.81
N ALA A 312 4.09 -14.02 5.37
CA ALA A 312 4.77 -13.77 4.11
C ALA A 312 6.16 -14.38 4.12
N LEU A 313 6.91 -14.13 5.19
CA LEU A 313 8.30 -14.58 5.21
C LEU A 313 8.42 -16.08 5.36
N ALA A 314 7.38 -16.76 5.79
CA ALA A 314 7.36 -18.22 5.89
C ALA A 314 6.86 -18.93 4.65
N LEU A 315 6.51 -18.21 3.58
CA LEU A 315 5.87 -18.86 2.44
C LEU A 315 6.80 -19.79 1.70
N TYR A 316 8.10 -19.51 1.71
CA TYR A 316 9.07 -20.37 1.07
C TYR A 316 10.47 -19.98 1.58
PA NAP B . 7.00 6.96 3.39
O1A NAP B . 6.12 8.10 3.69
O2A NAP B . 8.31 7.01 3.78
O5B NAP B . 7.03 6.71 1.78
C5B NAP B . 5.80 6.87 1.03
C4B NAP B . 6.22 6.94 -0.40
O4B NAP B . 5.02 7.03 -1.20
C3B NAP B . 7.09 8.16 -0.74
O3B NAP B . 8.02 7.79 -1.75
C2B NAP B . 6.02 9.10 -1.28
O2B NAP B . 6.56 10.10 -2.15
C1B NAP B . 5.21 8.11 -2.07
N9A NAP B . 3.93 8.62 -2.54
C8A NAP B . 2.91 9.20 -1.84
N7A NAP B . 1.92 9.62 -2.60
C5A NAP B . 2.35 9.30 -3.89
C6A NAP B . 1.77 9.50 -5.17
N6A NAP B . 0.63 10.17 -5.38
N1A NAP B . 2.43 9.01 -6.23
C2A NAP B . 3.62 8.43 -6.05
N3A NAP B . 4.28 8.24 -4.91
C4A NAP B . 3.57 8.69 -3.86
O3 NAP B . 6.30 5.71 4.03
PN NAP B . 6.47 4.14 3.90
O1N NAP B . 7.69 3.82 3.17
O2N NAP B . 6.29 3.58 5.26
O5D NAP B . 5.20 3.81 2.99
C5D NAP B . 5.28 2.79 1.94
C4D NAP B . 4.06 1.92 2.01
O4D NAP B . 4.12 1.10 3.21
C3D NAP B . 2.73 2.70 2.09
O3D NAP B . 1.77 2.11 1.19
C2D NAP B . 2.27 2.45 3.53
O2D NAP B . 0.86 2.45 3.68
C1D NAP B . 2.84 1.07 3.77
N1N NAP B . 2.96 0.66 5.20
C2N NAP B . 3.91 1.22 5.98
C3N NAP B . 4.04 0.82 7.29
C7N NAP B . 5.09 1.35 8.21
O7N NAP B . 5.07 0.99 9.40
N7N NAP B . 6.02 2.15 7.76
C4N NAP B . 3.18 -0.16 7.78
C5N NAP B . 2.21 -0.73 6.96
C6N NAP B . 2.12 -0.30 5.66
P2B NAP B . 6.91 11.60 -1.64
O1X NAP B . 8.25 11.58 -1.13
O2X NAP B . 5.91 11.97 -0.61
O3X NAP B . 6.75 12.39 -2.88
HOA2 NAP B . 8.95 6.28 3.60
H51A NAP B . 5.17 6.02 1.26
H52A NAP B . 5.26 7.75 1.35
H4B NAP B . 6.68 6.00 -0.71
H3B NAP B . 7.58 8.55 0.15
HO3A NAP B . 8.80 8.40 -1.67
H2B NAP B . 5.46 9.57 -0.48
H1B NAP B . 5.74 7.71 -2.92
H8A NAP B . 2.88 9.32 -0.76
H61A NAP B . 0.25 10.29 -6.32
H62A NAP B . 0.13 10.58 -4.61
H2A NAP B . 4.10 8.08 -6.96
H51N NAP B . 6.18 2.20 2.11
H52N NAP B . 5.38 3.24 0.94
H4D NAP B . 4.08 1.22 1.18
H3D NAP B . 2.76 3.73 1.76
HO3N NAP B . 1.70 1.13 1.37
H2D NAP B . 2.73 3.21 4.17
HO2N NAP B . 0.56 1.52 3.53
H1D NAP B . 2.30 0.27 3.27
H2N NAP B . 4.54 1.99 5.53
H71N NAP B . 6.06 2.45 6.78
H72N NAP B . 6.74 2.53 8.36
H4N NAP B . 3.25 -0.49 8.82
H5N NAP B . 1.54 -1.50 7.32
H6N NAP B . 1.38 -0.72 4.98
HOP2 NAP B . 5.06 11.49 -0.43
HOP3 NAP B . 7.44 12.34 -3.60
C4 IT9 C . -0.17 2.93 7.80
C5 IT9 C . 1.36 3.09 7.94
C6 IT9 C . 1.80 2.68 9.35
C7 IT9 C . -0.86 4.02 8.59
C8 IT9 C . -0.98 5.26 8.07
C9 IT9 C . -1.46 3.68 9.91
C IT9 C . 1.97 0.67 10.91
O IT9 C . -1.72 1.10 7.93
C1 IT9 C . 1.28 1.34 9.76
C2 IT9 C . 0.20 0.82 9.19
C3 IT9 C . -0.61 1.53 8.23
H IT9 C . -0.43 3.01 6.75
H6 IT9 C . 1.66 4.11 7.74
H5 IT9 C . 1.87 2.48 7.20
H7 IT9 C . 1.46 3.42 10.08
H8 IT9 C . 2.89 2.70 9.40
H9 IT9 C . -1.50 6.08 8.57
H10 IT9 C . -0.56 5.55 7.11
H12 IT9 C . -1.44 4.52 10.60
H13 IT9 C . -0.94 2.86 10.41
H11 IT9 C . -2.50 3.37 9.80
H1 IT9 C . 1.72 1.13 11.86
H2 IT9 C . 3.06 0.75 10.79
H3 IT9 C . 1.73 -0.39 10.99
H4 IT9 C . -0.14 -0.19 9.43
#